data_5TVA
#
_entry.id   5TVA
#
_cell.length_a   55.660
_cell.length_b   68.860
_cell.length_c   156.570
_cell.angle_alpha   90.00
_cell.angle_beta   90.00
_cell.angle_gamma   90.00
#
_symmetry.space_group_name_H-M   'P 21 21 21'
#
loop_
_entity.id
_entity.type
_entity.pdbx_description
1 polymer '6-carboxyhexanoate--CoA ligase'
2 non-polymer 'ADENOSINE MONOPHOSPHATE'
3 non-polymer 'COENZYME A'
4 water water
#
_entity_poly.entity_id   1
_entity_poly.type   'polypeptide(L)'
_entity_poly.pdbx_seq_one_letter_code
;MDLFSVRMRAQKNGKHVSGAERIVKKEELETAVKELLNRPKEFDFMNVKVEKVKDFEVVKFNLKISTYSFKSPEEAREFA
VKKLTQEGIKEEVAKKAVEILSKGANPKGGNMRGAVLMDIETGERLEEDKERGVRTIHFDWKDRKKVTEKLLKEGYTLRT
VDALALTFKNLFCGVVAELCWSDDPDYVTGYVSGKEIGYVRITPLKEKGDPLGGRVYFVSRKELSEIIECLTQKVVLIEL
;
_entity_poly.pdbx_strand_id   A,B
#
# COMPACT_ATOMS: atom_id res chain seq x y z
N ASP A 2 -14.66 -16.20 18.44
CA ASP A 2 -14.04 -17.51 18.66
C ASP A 2 -13.74 -18.24 17.35
N LEU A 3 -12.47 -18.48 17.06
CA LEU A 3 -12.04 -19.13 15.83
C LEU A 3 -11.43 -20.48 16.14
N PHE A 4 -11.60 -21.40 15.20
CA PHE A 4 -10.99 -22.72 15.28
C PHE A 4 -10.22 -22.98 13.98
N SER A 5 -8.99 -23.44 14.11
CA SER A 5 -8.18 -23.85 12.97
C SER A 5 -8.43 -25.32 12.71
N VAL A 6 -8.76 -25.68 11.47
CA VAL A 6 -9.08 -27.06 11.09
C VAL A 6 -8.08 -27.51 10.05
N ARG A 7 -7.17 -28.41 10.43
CA ARG A 7 -6.10 -28.86 9.55
C ARG A 7 -6.28 -30.33 9.20
N MET A 8 -6.25 -30.64 7.90
CA MET A 8 -6.40 -32.00 7.41
C MET A 8 -5.20 -32.36 6.55
N ARG A 9 -4.68 -33.56 6.74
CA ARG A 9 -3.72 -34.18 5.82
C ARG A 9 -4.14 -35.62 5.59
N ALA A 10 -3.84 -36.14 4.40
CA ALA A 10 -4.23 -37.50 4.04
C ALA A 10 -3.14 -38.15 3.21
N GLN A 11 -2.92 -39.44 3.46
CA GLN A 11 -1.90 -40.24 2.79
C GLN A 11 -2.54 -41.40 2.04
N LYS A 12 -1.81 -41.91 1.06
CA LYS A 12 -2.17 -43.13 0.36
C LYS A 12 -0.87 -43.83 -0.01
N ASN A 13 -0.73 -45.09 0.44
CA ASN A 13 0.49 -45.86 0.22
C ASN A 13 1.71 -45.13 0.74
N GLY A 14 1.58 -44.51 1.92
CA GLY A 14 2.65 -43.71 2.48
C GLY A 14 2.90 -42.36 1.81
N LYS A 15 2.22 -42.06 0.71
CA LYS A 15 2.42 -40.82 -0.02
C LYS A 15 1.33 -39.80 0.28
N HIS A 16 1.74 -38.54 0.43
CA HIS A 16 0.82 -37.44 0.72
C HIS A 16 -0.04 -37.13 -0.50
N VAL A 17 -1.36 -37.20 -0.36
CA VAL A 17 -2.25 -36.99 -1.49
C VAL A 17 -3.19 -35.82 -1.29
N SER A 18 -3.25 -35.24 -0.09
CA SER A 18 -4.20 -34.16 0.12
C SER A 18 -3.87 -33.46 1.43
N GLY A 19 -4.26 -32.19 1.50
CA GLY A 19 -4.00 -31.39 2.69
C GLY A 19 -4.61 -30.01 2.55
N ALA A 20 -5.21 -29.50 3.62
CA ALA A 20 -5.94 -28.24 3.53
C ALA A 20 -6.18 -27.76 4.95
N GLU A 21 -6.44 -26.46 5.08
CA GLU A 21 -6.75 -25.85 6.35
C GLU A 21 -7.89 -24.87 6.17
N ARG A 22 -8.79 -24.84 7.17
CA ARG A 22 -9.86 -23.85 7.27
C ARG A 22 -9.83 -23.25 8.67
N ILE A 23 -10.09 -21.94 8.75
CA ILE A 23 -10.15 -21.24 10.03
C ILE A 23 -11.50 -20.56 10.06
N VAL A 24 -12.37 -20.99 10.98
CA VAL A 24 -13.78 -20.61 10.94
C VAL A 24 -14.31 -20.42 12.35
N LYS A 25 -15.48 -19.76 12.42
CA LYS A 25 -16.28 -19.67 13.63
C LYS A 25 -16.85 -21.04 13.99
N LYS A 26 -17.13 -21.23 15.29
CA LYS A 26 -17.63 -22.53 15.76
C LYS A 26 -18.89 -22.95 15.01
N GLU A 27 -19.75 -22.00 14.63
CA GLU A 27 -20.98 -22.37 13.96
C GLU A 27 -20.75 -22.86 12.52
N GLU A 28 -19.52 -22.81 12.02
CA GLU A 28 -19.18 -23.43 10.75
C GLU A 28 -18.09 -24.50 10.90
N LEU A 29 -17.76 -24.87 12.14
CA LEU A 29 -16.77 -25.90 12.38
C LEU A 29 -17.14 -27.20 11.67
N GLU A 30 -18.34 -27.72 11.94
CA GLU A 30 -18.76 -29.00 11.35
C GLU A 30 -18.75 -28.93 9.84
N THR A 31 -19.21 -27.82 9.28
CA THR A 31 -19.17 -27.64 7.84
C THR A 31 -17.74 -27.74 7.31
N ALA A 32 -16.79 -27.08 7.98
CA ALA A 32 -15.40 -27.15 7.55
C ALA A 32 -14.86 -28.58 7.64
N VAL A 33 -15.20 -29.30 8.70
CA VAL A 33 -14.70 -30.66 8.85
C VAL A 33 -15.28 -31.56 7.77
N LYS A 34 -16.59 -31.43 7.50
CA LYS A 34 -17.19 -32.21 6.41
C LYS A 34 -16.47 -31.94 5.09
N GLU A 35 -16.16 -30.67 4.80
CA GLU A 35 -15.49 -30.36 3.53
C GLU A 35 -14.14 -31.06 3.43
N LEU A 36 -13.32 -30.97 4.50
CA LEU A 36 -11.98 -31.53 4.41
C LEU A 36 -12.01 -33.05 4.45
N LEU A 37 -12.92 -33.63 5.23
CA LEU A 37 -13.07 -35.08 5.21
C LEU A 37 -13.40 -35.59 3.81
N ASN A 38 -14.15 -34.80 3.06
CA ASN A 38 -14.57 -35.21 1.71
C ASN A 38 -13.52 -34.87 0.66
N ARG A 39 -12.43 -34.18 1.04
CA ARG A 39 -11.53 -33.60 0.03
C ARG A 39 -10.77 -34.65 -0.77
N PRO A 40 -10.05 -35.61 -0.19
CA PRO A 40 -9.34 -36.58 -1.03
C PRO A 40 -10.26 -37.67 -1.56
N LYS A 41 -9.94 -38.15 -2.76
CA LYS A 41 -10.71 -39.23 -3.39
C LYS A 41 -10.42 -40.58 -2.73
N GLU A 42 -9.14 -40.95 -2.67
CA GLU A 42 -8.69 -42.20 -2.07
C GLU A 42 -7.64 -41.84 -1.03
N PHE A 43 -7.66 -42.53 0.12
CA PHE A 43 -6.64 -42.38 1.14
C PHE A 43 -6.72 -43.58 2.06
N ASP A 44 -5.59 -43.98 2.63
CA ASP A 44 -5.52 -45.01 3.65
CA ASP A 44 -5.64 -44.99 3.66
C ASP A 44 -5.33 -44.44 5.05
N PHE A 45 -4.99 -43.15 5.17
CA PHE A 45 -4.81 -42.50 6.46
C PHE A 45 -5.17 -41.03 6.32
N MET A 46 -5.92 -40.52 7.29
CA MET A 46 -6.22 -39.09 7.35
C MET A 46 -6.16 -38.61 8.79
N ASN A 47 -5.56 -37.44 8.98
CA ASN A 47 -5.55 -36.78 10.28
C ASN A 47 -6.25 -35.44 10.16
N VAL A 48 -7.09 -35.13 11.14
CA VAL A 48 -7.74 -33.83 11.25
C VAL A 48 -7.43 -33.25 12.64
N LYS A 49 -6.93 -32.01 12.69
CA LYS A 49 -6.70 -31.27 13.94
C LYS A 49 -7.63 -30.08 14.03
N VAL A 50 -8.37 -29.98 15.13
CA VAL A 50 -9.17 -28.80 15.42
C VAL A 50 -8.58 -28.10 16.64
N GLU A 51 -8.19 -26.84 16.46
CA GLU A 51 -7.41 -26.09 17.46
C GLU A 51 -8.08 -24.74 17.64
N LYS A 52 -8.50 -24.43 18.86
CA LYS A 52 -9.01 -23.10 19.13
C LYS A 52 -7.89 -22.07 18.89
N VAL A 53 -8.22 -21.00 18.18
CA VAL A 53 -7.27 -19.94 17.83
C VAL A 53 -7.20 -18.95 18.98
N LYS A 54 -5.98 -18.56 19.38
CA LYS A 54 -5.83 -17.54 20.39
C LYS A 54 -5.86 -16.16 19.75
N ASP A 55 -4.72 -15.74 19.21
CA ASP A 55 -4.59 -14.47 18.51
C ASP A 55 -4.58 -14.70 17.00
N PHE A 56 -5.01 -13.68 16.26
CA PHE A 56 -4.98 -13.76 14.81
C PHE A 56 -5.01 -12.35 14.26
N GLU A 57 -4.66 -12.22 12.98
CA GLU A 57 -4.69 -10.92 12.34
C GLU A 57 -5.45 -11.03 11.02
N VAL A 58 -6.20 -9.98 10.72
CA VAL A 58 -6.93 -9.85 9.46
C VAL A 58 -6.14 -8.92 8.57
N VAL A 59 -5.96 -9.31 7.32
CA VAL A 59 -5.15 -8.55 6.36
C VAL A 59 -5.93 -8.44 5.05
N LYS A 60 -5.78 -7.30 4.37
CA LYS A 60 -6.48 -7.02 3.12
C LYS A 60 -5.66 -7.48 1.92
N PHE A 61 -6.22 -8.42 1.15
CA PHE A 61 -5.56 -8.84 -0.09
C PHE A 61 -5.42 -7.65 -1.04
N ASN A 62 -4.27 -7.57 -1.71
CA ASN A 62 -3.99 -6.40 -2.55
C ASN A 62 -2.97 -6.68 -3.64
N LEU A 63 -2.74 -7.94 -4.02
CA LEU A 63 -1.83 -8.24 -5.11
C LEU A 63 -2.55 -8.13 -6.44
N LYS A 64 -1.82 -7.64 -7.44
CA LYS A 64 -2.29 -7.65 -8.82
C LYS A 64 -2.05 -9.04 -9.42
N ILE A 65 -3.04 -9.54 -10.16
CA ILE A 65 -2.93 -10.84 -10.81
C ILE A 65 -2.69 -10.63 -12.29
N SER A 66 -1.81 -11.45 -12.87
CA SER A 66 -1.59 -11.45 -14.30
C SER A 66 -1.23 -12.85 -14.74
N THR A 67 -1.25 -13.07 -16.06
CA THR A 67 -1.20 -14.39 -16.65
C THR A 67 -0.36 -14.36 -17.92
N TYR A 68 0.50 -15.37 -18.09
CA TYR A 68 1.42 -15.40 -19.22
C TYR A 68 1.59 -16.84 -19.72
N SER A 69 1.58 -16.98 -21.04
CA SER A 69 1.70 -18.26 -21.72
C SER A 69 2.95 -18.28 -22.60
N PHE A 70 3.56 -19.45 -22.70
CA PHE A 70 4.81 -19.63 -23.41
C PHE A 70 4.76 -20.97 -24.11
N LYS A 71 5.73 -21.20 -24.99
CA LYS A 71 5.71 -22.38 -25.82
C LYS A 71 6.74 -23.43 -25.44
N SER A 72 7.59 -23.15 -24.45
CA SER A 72 8.47 -24.16 -23.88
C SER A 72 8.76 -23.81 -22.41
N PRO A 73 9.02 -24.81 -21.57
CA PRO A 73 9.40 -24.50 -20.17
C PRO A 73 10.65 -23.64 -20.06
N GLU A 74 11.62 -23.81 -20.98
CA GLU A 74 12.80 -22.96 -20.96
C GLU A 74 12.43 -21.49 -21.11
N GLU A 75 11.40 -21.20 -21.91
CA GLU A 75 10.97 -19.83 -22.10
C GLU A 75 10.15 -19.32 -20.92
N ALA A 76 9.39 -20.22 -20.30
CA ALA A 76 8.61 -19.84 -19.13
C ALA A 76 9.53 -19.58 -17.93
N ARG A 77 10.55 -20.41 -17.77
CA ARG A 77 11.52 -20.21 -16.72
C ARG A 77 12.40 -18.99 -16.99
N GLU A 78 12.67 -18.70 -18.25
CA GLU A 78 13.40 -17.48 -18.59
C GLU A 78 12.60 -16.24 -18.18
N PHE A 79 11.29 -16.26 -18.49
CA PHE A 79 10.42 -15.18 -18.03
C PHE A 79 10.32 -15.15 -16.51
N ALA A 80 10.28 -16.34 -15.89
CA ALA A 80 10.16 -16.41 -14.43
C ALA A 80 11.34 -15.72 -13.76
N VAL A 81 12.55 -16.02 -14.24
CA VAL A 81 13.76 -15.34 -13.75
C VAL A 81 13.63 -13.82 -13.94
N LYS A 82 13.08 -13.39 -15.07
CA LYS A 82 13.00 -11.96 -15.35
C LYS A 82 12.10 -11.25 -14.36
N LYS A 83 10.89 -11.80 -14.13
CA LYS A 83 9.96 -11.17 -13.20
C LYS A 83 10.54 -11.11 -11.78
N LEU A 84 11.28 -12.16 -11.39
CA LEU A 84 11.94 -12.17 -10.08
C LEU A 84 12.92 -11.01 -9.92
N THR A 85 13.69 -10.71 -10.97
CA THR A 85 14.65 -9.61 -10.81
C THR A 85 13.95 -8.26 -10.73
N GLN A 86 12.66 -8.20 -11.09
CA GLN A 86 11.93 -6.97 -10.84
C GLN A 86 11.55 -6.81 -9.38
N GLU A 87 11.88 -7.77 -8.51
CA GLU A 87 11.79 -7.58 -7.07
C GLU A 87 13.17 -7.31 -6.46
N GLY A 88 14.12 -6.85 -7.27
CA GLY A 88 15.45 -6.55 -6.76
C GLY A 88 16.34 -7.74 -6.56
N ILE A 89 15.91 -8.92 -6.99
CA ILE A 89 16.73 -10.12 -6.81
C ILE A 89 17.76 -10.19 -7.93
N LYS A 90 19.02 -10.48 -7.54
CA LYS A 90 20.05 -10.68 -8.55
C LYS A 90 19.69 -11.88 -9.42
N GLU A 91 20.03 -11.77 -10.70
CA GLU A 91 19.59 -12.74 -11.69
C GLU A 91 20.10 -14.14 -11.36
N GLU A 92 21.35 -14.26 -10.93
CA GLU A 92 21.93 -15.58 -10.66
C GLU A 92 21.26 -16.23 -9.46
N VAL A 93 20.77 -15.44 -8.52
CA VAL A 93 19.98 -15.99 -7.42
C VAL A 93 18.67 -16.55 -7.94
N ALA A 94 17.94 -15.75 -8.72
CA ALA A 94 16.71 -16.24 -9.33
C ALA A 94 16.97 -17.51 -10.14
N LYS A 95 18.11 -17.57 -10.84
CA LYS A 95 18.39 -18.73 -11.72
C LYS A 95 18.68 -19.98 -10.92
N LYS A 96 19.36 -19.85 -9.77
CA LYS A 96 19.67 -21.03 -8.97
C LYS A 96 18.42 -21.61 -8.34
N ALA A 97 17.49 -20.76 -7.91
CA ALA A 97 16.16 -21.22 -7.54
C ALA A 97 15.55 -22.11 -8.62
N VAL A 98 15.40 -21.58 -9.84
CA VAL A 98 14.83 -22.36 -10.95
C VAL A 98 15.61 -23.66 -11.13
N GLU A 99 16.94 -23.56 -11.10
CA GLU A 99 17.78 -24.75 -11.25
C GLU A 99 17.47 -25.80 -10.18
N ILE A 100 17.24 -25.36 -8.94
CA ILE A 100 17.05 -26.32 -7.85
C ILE A 100 15.74 -27.08 -8.01
N LEU A 101 14.67 -26.38 -8.42
CA LEU A 101 13.37 -27.03 -8.52
C LEU A 101 13.34 -28.04 -9.66
N SER A 102 13.90 -27.67 -10.81
CA SER A 102 13.82 -28.53 -11.99
C SER A 102 14.69 -29.78 -11.83
N LYS A 103 15.78 -29.69 -11.10
CA LYS A 103 16.69 -30.83 -10.93
C LYS A 103 16.39 -31.64 -9.68
N GLY A 104 15.29 -31.37 -8.99
CA GLY A 104 14.91 -32.12 -7.81
C GLY A 104 15.35 -31.47 -6.52
N ALA A 105 14.42 -30.79 -5.83
CA ALA A 105 14.80 -30.00 -4.66
C ALA A 105 15.16 -30.87 -3.47
N ASN A 106 14.49 -32.01 -3.29
CA ASN A 106 14.81 -32.96 -2.23
C ASN A 106 16.10 -33.69 -2.59
N PRO A 107 17.16 -33.58 -1.78
CA PRO A 107 18.45 -34.18 -2.18
C PRO A 107 18.43 -35.69 -2.30
N LYS A 108 17.50 -36.39 -1.63
CA LYS A 108 17.35 -37.83 -1.78
C LYS A 108 16.27 -38.20 -2.79
N GLY A 109 16.04 -37.34 -3.78
CA GLY A 109 15.08 -37.63 -4.83
C GLY A 109 13.66 -37.21 -4.52
N GLY A 110 12.97 -36.73 -5.54
CA GLY A 110 11.57 -36.40 -5.41
C GLY A 110 11.33 -34.97 -4.98
N ASN A 111 10.08 -34.71 -4.61
CA ASN A 111 9.69 -33.41 -4.12
C ASN A 111 9.98 -33.28 -2.63
N MET A 112 10.07 -32.04 -2.18
CA MET A 112 10.13 -31.77 -0.76
C MET A 112 8.71 -31.81 -0.18
N ARG A 113 8.64 -31.84 1.16
CA ARG A 113 7.38 -31.64 1.86
C ARG A 113 7.15 -30.19 2.22
N GLY A 114 7.85 -29.28 1.57
CA GLY A 114 7.77 -27.87 1.93
C GLY A 114 8.70 -27.05 1.08
N ALA A 115 8.83 -25.78 1.44
CA ALA A 115 9.50 -24.83 0.58
C ALA A 115 10.98 -24.68 0.96
N VAL A 116 11.79 -24.36 -0.07
CA VAL A 116 13.15 -23.87 0.12
C VAL A 116 13.12 -22.44 0.64
N LEU A 117 13.97 -22.14 1.64
CA LEU A 117 14.22 -20.76 2.09
C LEU A 117 15.56 -20.33 1.51
N MET A 118 15.52 -19.48 0.49
CA MET A 118 16.72 -19.05 -0.20
C MET A 118 17.14 -17.64 0.21
N ASP A 119 18.40 -17.51 0.64
CA ASP A 119 19.03 -16.21 0.87
C ASP A 119 18.98 -15.34 -0.37
N ILE A 120 18.24 -14.21 -0.34
CA ILE A 120 18.12 -13.34 -1.52
C ILE A 120 19.48 -12.93 -2.04
N GLU A 121 20.42 -12.69 -1.11
CA GLU A 121 21.71 -12.11 -1.48
C GLU A 121 22.66 -13.14 -2.06
N THR A 122 22.62 -14.39 -1.57
CA THR A 122 23.65 -15.35 -1.92
C THR A 122 23.13 -16.61 -2.60
N GLY A 123 21.81 -16.82 -2.67
CA GLY A 123 21.27 -18.03 -3.25
C GLY A 123 21.40 -19.28 -2.40
N GLU A 124 21.88 -19.17 -1.16
CA GLU A 124 22.13 -20.35 -0.34
C GLU A 124 20.86 -20.80 0.38
N ARG A 125 20.71 -22.12 0.51
CA ARG A 125 19.53 -22.71 1.13
C ARG A 125 19.65 -22.65 2.64
N LEU A 126 18.71 -21.97 3.30
CA LEU A 126 18.74 -21.74 4.76
C LEU A 126 17.89 -22.72 5.57
N GLU A 127 16.97 -23.45 4.93
CA GLU A 127 16.19 -24.43 5.69
C GLU A 127 17.13 -25.50 6.24
N GLU A 128 16.84 -25.94 7.47
CA GLU A 128 17.69 -26.93 8.13
C GLU A 128 17.47 -28.32 7.55
N ASP A 129 16.21 -28.66 7.29
CA ASP A 129 15.84 -29.98 6.78
C ASP A 129 15.49 -29.80 5.31
N LYS A 130 16.41 -30.18 4.44
CA LYS A 130 16.25 -29.96 3.01
C LYS A 130 15.34 -30.99 2.36
N GLU A 131 14.94 -32.05 3.08
CA GLU A 131 13.87 -32.88 2.55
C GLU A 131 12.51 -32.30 2.90
N ARG A 132 12.41 -31.73 4.11
CA ARG A 132 11.12 -31.29 4.63
C ARG A 132 10.80 -29.86 4.19
N GLY A 133 11.79 -28.97 4.26
CA GLY A 133 11.55 -27.56 4.06
C GLY A 133 10.69 -26.97 5.17
N VAL A 134 10.18 -25.77 4.90
CA VAL A 134 9.28 -25.09 5.81
C VAL A 134 7.89 -25.03 5.15
N ARG A 135 6.85 -25.20 5.96
CA ARG A 135 5.47 -25.22 5.49
C ARG A 135 4.77 -23.96 5.97
N THR A 136 4.18 -23.22 5.04
CA THR A 136 3.27 -22.14 5.42
C THR A 136 1.94 -22.74 5.86
N ILE A 137 1.46 -22.35 7.04
CA ILE A 137 0.21 -22.86 7.61
C ILE A 137 -0.50 -21.72 8.32
N HIS A 138 -1.67 -22.02 8.88
CA HIS A 138 -2.42 -21.08 9.72
C HIS A 138 -2.80 -19.82 8.96
N PHE A 139 -3.31 -20.02 7.75
CA PHE A 139 -3.82 -18.96 6.91
C PHE A 139 -5.12 -19.44 6.29
N ASP A 140 -6.03 -18.50 6.02
CA ASP A 140 -7.26 -18.80 5.30
C ASP A 140 -7.87 -17.49 4.79
N TRP A 141 -8.67 -17.60 3.73
CA TRP A 141 -9.56 -16.52 3.34
C TRP A 141 -10.58 -16.26 4.45
N LYS A 142 -10.75 -15.00 4.81
CA LYS A 142 -11.77 -14.63 5.79
C LYS A 142 -13.15 -15.16 5.42
N ASP A 143 -13.56 -15.01 4.17
CA ASP A 143 -14.90 -15.47 3.74
C ASP A 143 -14.70 -16.35 2.52
N ARG A 144 -14.27 -17.60 2.76
CA ARG A 144 -13.80 -18.44 1.65
C ARG A 144 -14.91 -18.68 0.60
N LYS A 145 -16.15 -18.84 1.04
CA LYS A 145 -17.25 -19.08 0.12
C LYS A 145 -17.40 -17.91 -0.85
N LYS A 146 -17.38 -16.68 -0.30
CA LYS A 146 -17.47 -15.49 -1.15
C LYS A 146 -16.28 -15.41 -2.10
N VAL A 147 -15.06 -15.62 -1.58
CA VAL A 147 -13.86 -15.48 -2.39
C VAL A 147 -13.83 -16.53 -3.50
N THR A 148 -14.17 -17.77 -3.16
CA THR A 148 -14.18 -18.82 -4.18
C THR A 148 -15.16 -18.51 -5.31
N GLU A 149 -16.37 -18.04 -4.99
CA GLU A 149 -17.32 -17.80 -6.08
C GLU A 149 -16.83 -16.66 -6.95
N LYS A 150 -16.35 -15.58 -6.33
CA LYS A 150 -15.86 -14.44 -7.09
C LYS A 150 -14.72 -14.84 -8.01
N LEU A 151 -13.69 -15.49 -7.47
CA LEU A 151 -12.54 -15.82 -8.32
C LEU A 151 -12.91 -16.82 -9.41
N LEU A 152 -13.79 -17.78 -9.10
CA LEU A 152 -14.20 -18.72 -10.14
C LEU A 152 -14.80 -17.97 -11.32
N LYS A 153 -15.68 -17.00 -11.05
CA LYS A 153 -16.38 -16.33 -12.14
C LYS A 153 -15.46 -15.38 -12.90
N GLU A 154 -14.37 -14.93 -12.28
CA GLU A 154 -13.38 -14.21 -13.06
C GLU A 154 -12.52 -15.14 -13.90
N GLY A 155 -12.73 -16.45 -13.83
CA GLY A 155 -11.94 -17.40 -14.61
C GLY A 155 -10.75 -18.05 -13.90
N TYR A 156 -10.58 -17.83 -12.61
CA TYR A 156 -9.52 -18.53 -11.90
C TYR A 156 -10.02 -19.87 -11.36
N THR A 157 -9.12 -20.86 -11.32
CA THR A 157 -9.41 -22.20 -10.84
C THR A 157 -9.33 -22.29 -9.30
N LEU A 158 -9.79 -23.42 -8.76
CA LEU A 158 -9.71 -23.66 -7.32
C LEU A 158 -8.26 -23.73 -6.85
N ARG A 159 -7.34 -24.21 -7.70
CA ARG A 159 -5.93 -24.17 -7.31
C ARG A 159 -5.44 -22.73 -7.18
N THR A 160 -5.92 -21.85 -8.05
CA THR A 160 -5.59 -20.44 -7.91
C THR A 160 -6.11 -19.89 -6.59
N VAL A 161 -7.36 -20.21 -6.25
CA VAL A 161 -7.93 -19.74 -4.99
C VAL A 161 -7.03 -20.14 -3.83
N ASP A 162 -6.56 -21.38 -3.81
CA ASP A 162 -5.74 -21.89 -2.70
C ASP A 162 -4.35 -21.28 -2.70
N ALA A 163 -3.68 -21.24 -3.86
CA ALA A 163 -2.31 -20.73 -3.93
C ALA A 163 -2.24 -19.23 -3.64
N LEU A 164 -3.24 -18.46 -4.05
CA LEU A 164 -3.25 -17.04 -3.73
C LEU A 164 -3.20 -16.81 -2.23
N ALA A 165 -4.06 -17.50 -1.47
CA ALA A 165 -4.09 -17.26 -0.03
C ALA A 165 -2.74 -17.61 0.59
N LEU A 166 -2.08 -18.65 0.07
CA LEU A 166 -0.79 -19.09 0.58
C LEU A 166 0.34 -18.09 0.29
N THR A 167 0.44 -17.60 -0.96
CA THR A 167 1.44 -16.57 -1.26
C THR A 167 1.21 -15.32 -0.48
N PHE A 168 -0.05 -14.94 -0.33
CA PHE A 168 -0.26 -13.65 0.29
C PHE A 168 0.23 -13.68 1.72
N LYS A 169 0.02 -14.81 2.41
CA LYS A 169 0.58 -14.96 3.75
C LYS A 169 2.10 -14.90 3.72
N ASN A 170 2.73 -15.61 2.78
CA ASN A 170 4.19 -15.57 2.65
C ASN A 170 4.68 -14.13 2.54
N LEU A 171 4.11 -13.37 1.60
CA LEU A 171 4.51 -11.98 1.42
C LEU A 171 4.20 -11.14 2.66
N PHE A 172 3.07 -11.40 3.32
CA PHE A 172 2.78 -10.67 4.54
C PHE A 172 3.79 -11.00 5.64
N CYS A 173 4.28 -12.24 5.68
CA CYS A 173 5.23 -12.68 6.68
C CYS A 173 6.66 -12.23 6.41
N GLY A 174 6.92 -11.62 5.25
CA GLY A 174 8.24 -11.09 4.97
C GLY A 174 9.02 -11.83 3.90
N VAL A 175 8.46 -12.86 3.28
CA VAL A 175 9.11 -13.38 2.10
C VAL A 175 9.08 -12.31 1.04
N VAL A 176 10.24 -12.05 0.42
CA VAL A 176 10.32 -11.00 -0.59
C VAL A 176 9.63 -11.43 -1.87
N ALA A 177 9.88 -12.66 -2.31
CA ALA A 177 9.35 -13.15 -3.57
C ALA A 177 9.27 -14.67 -3.50
N GLU A 178 8.42 -15.26 -4.34
CA GLU A 178 8.21 -16.70 -4.34
C GLU A 178 8.23 -17.25 -5.76
N LEU A 179 8.83 -18.43 -5.93
CA LEU A 179 8.72 -19.21 -7.16
C LEU A 179 8.05 -20.55 -6.86
N CYS A 180 7.08 -20.93 -7.69
CA CYS A 180 6.32 -22.15 -7.44
C CYS A 180 5.83 -22.77 -8.76
N TRP A 181 6.07 -24.06 -8.91
CA TRP A 181 5.23 -24.86 -9.80
C TRP A 181 4.94 -26.21 -9.15
N SER A 182 3.90 -26.85 -9.65
CA SER A 182 3.28 -28.00 -8.99
C SER A 182 4.14 -29.26 -9.12
N ASP A 183 3.97 -30.16 -8.17
CA ASP A 183 4.59 -31.48 -8.23
C ASP A 183 3.79 -32.45 -9.10
N ASP A 184 2.47 -32.25 -9.20
CA ASP A 184 1.58 -33.07 -10.03
C ASP A 184 1.97 -32.99 -11.50
N PRO A 185 2.35 -34.09 -12.15
CA PRO A 185 2.83 -34.01 -13.54
C PRO A 185 1.78 -33.57 -14.55
N ASP A 186 0.50 -33.45 -14.19
CA ASP A 186 -0.52 -32.99 -15.14
C ASP A 186 -0.69 -31.48 -15.14
N TYR A 187 -0.65 -30.84 -13.97
CA TYR A 187 -0.78 -29.40 -13.89
C TYR A 187 0.58 -28.77 -14.14
N VAL A 188 0.60 -27.70 -14.95
CA VAL A 188 1.88 -27.21 -15.47
C VAL A 188 1.93 -25.69 -15.43
N THR A 189 0.84 -25.06 -15.00
CA THR A 189 0.94 -23.66 -14.59
C THR A 189 1.69 -23.58 -13.25
N GLY A 190 2.50 -22.53 -13.11
CA GLY A 190 3.17 -22.22 -11.87
C GLY A 190 2.99 -20.75 -11.59
N TYR A 191 3.78 -20.16 -10.68
CA TYR A 191 3.66 -18.72 -10.53
C TYR A 191 4.95 -18.14 -9.95
N VAL A 192 4.95 -16.82 -9.88
CA VAL A 192 6.01 -16.07 -9.26
C VAL A 192 5.31 -14.89 -8.61
N SER A 193 5.70 -14.53 -7.39
CA SER A 193 4.94 -13.48 -6.74
C SER A 193 5.86 -12.59 -5.92
N GLY A 194 5.34 -11.40 -5.63
CA GLY A 194 6.07 -10.40 -4.85
C GLY A 194 5.17 -9.20 -4.71
N LYS A 195 5.58 -8.28 -3.84
CA LYS A 195 4.70 -7.13 -3.56
C LYS A 195 4.65 -6.18 -4.75
N GLU A 196 5.71 -6.12 -5.56
CA GLU A 196 5.73 -5.24 -6.73
C GLU A 196 5.22 -5.91 -7.99
N ILE A 197 5.55 -7.18 -8.22
CA ILE A 197 5.15 -7.84 -9.44
C ILE A 197 3.78 -8.49 -9.32
N GLY A 198 3.18 -8.48 -8.13
CA GLY A 198 1.89 -9.10 -7.90
C GLY A 198 2.00 -10.61 -7.95
N TYR A 199 0.93 -11.25 -8.43
CA TYR A 199 0.84 -12.70 -8.56
C TYR A 199 0.85 -13.01 -10.05
N VAL A 200 1.90 -13.68 -10.51
CA VAL A 200 2.20 -13.79 -11.94
C VAL A 200 2.11 -15.27 -12.32
N ARG A 201 1.03 -15.65 -12.99
CA ARG A 201 0.80 -17.04 -13.37
C ARG A 201 1.48 -17.34 -14.70
N ILE A 202 2.20 -18.46 -14.76
CA ILE A 202 3.13 -18.69 -15.85
C ILE A 202 3.05 -20.14 -16.31
N THR A 203 2.70 -20.36 -17.58
CA THR A 203 2.56 -21.71 -18.16
C THR A 203 3.38 -21.84 -19.45
N PRO A 204 4.08 -22.98 -19.62
CA PRO A 204 4.28 -24.02 -18.61
C PRO A 204 5.67 -24.00 -18.00
N LEU A 205 5.77 -24.20 -16.70
CA LEU A 205 7.07 -24.25 -16.03
C LEU A 205 7.65 -25.67 -15.96
N LYS A 206 6.95 -26.66 -16.49
CA LYS A 206 7.53 -27.98 -16.71
C LYS A 206 6.79 -28.69 -17.82
N GLU A 207 7.44 -29.73 -18.35
CA GLU A 207 6.79 -30.62 -19.30
C GLU A 207 5.72 -31.45 -18.60
N LYS A 208 4.58 -31.61 -19.26
CA LYS A 208 3.46 -32.39 -18.75
C LYS A 208 3.85 -33.85 -18.59
N GLY A 209 4.35 -34.21 -17.40
CA GLY A 209 4.83 -35.55 -17.14
C GLY A 209 5.98 -35.56 -16.16
N ASP A 210 6.59 -34.39 -15.95
CA ASP A 210 7.63 -34.24 -14.93
C ASP A 210 7.00 -34.37 -13.55
N PRO A 211 7.45 -35.31 -12.71
CA PRO A 211 6.92 -35.43 -11.35
C PRO A 211 7.65 -34.59 -10.30
N LEU A 212 8.47 -33.63 -10.71
CA LEU A 212 9.20 -32.75 -9.81
C LEU A 212 8.55 -31.38 -9.73
N GLY A 213 8.47 -30.83 -8.52
CA GLY A 213 7.92 -29.50 -8.29
C GLY A 213 8.56 -28.85 -7.08
N GLY A 214 7.94 -27.81 -6.54
CA GLY A 214 8.44 -27.22 -5.32
C GLY A 214 8.18 -25.73 -5.26
N ARG A 215 8.67 -25.14 -4.15
CA ARG A 215 8.56 -23.72 -3.89
C ARG A 215 9.89 -23.22 -3.36
N VAL A 216 10.28 -22.02 -3.80
CA VAL A 216 11.44 -21.33 -3.27
C VAL A 216 10.93 -19.99 -2.72
N TYR A 217 11.22 -19.75 -1.44
CA TYR A 217 10.91 -18.48 -0.79
C TYR A 217 12.19 -17.65 -0.74
N PHE A 218 12.15 -16.42 -1.28
CA PHE A 218 13.31 -15.53 -1.27
C PHE A 218 13.23 -14.64 -0.03
N VAL A 219 14.15 -14.84 0.93
CA VAL A 219 14.12 -14.17 2.23
C VAL A 219 15.46 -13.51 2.56
N SER A 220 15.40 -12.42 3.29
CA SER A 220 16.61 -11.78 3.81
C SER A 220 17.07 -12.55 5.04
N ARG A 221 18.32 -13.05 5.03
CA ARG A 221 18.77 -13.87 6.15
C ARG A 221 18.62 -13.16 7.48
N LYS A 222 18.79 -11.84 7.52
CA LYS A 222 18.74 -11.16 8.80
C LYS A 222 17.38 -11.26 9.46
N GLU A 223 16.34 -11.64 8.70
CA GLU A 223 14.97 -11.76 9.18
C GLU A 223 14.49 -13.20 9.23
N LEU A 224 15.41 -14.17 9.07
CA LEU A 224 15.01 -15.57 8.89
C LEU A 224 14.16 -16.06 10.05
N SER A 225 14.59 -15.79 11.28
CA SER A 225 13.90 -16.34 12.44
C SER A 225 12.47 -15.80 12.57
N GLU A 226 12.30 -14.50 12.38
CA GLU A 226 10.96 -13.94 12.45
C GLU A 226 10.10 -14.45 11.30
N ILE A 227 10.70 -14.68 10.13
CA ILE A 227 9.93 -15.15 8.97
C ILE A 227 9.38 -16.53 9.22
N ILE A 228 10.24 -17.45 9.71
CA ILE A 228 9.82 -18.81 9.98
C ILE A 228 8.72 -18.83 11.04
N GLU A 229 8.91 -18.07 12.12
CA GLU A 229 7.85 -17.98 13.12
C GLU A 229 6.54 -17.53 12.49
N CYS A 230 6.60 -16.53 11.60
CA CYS A 230 5.38 -16.00 11.00
C CYS A 230 4.72 -17.03 10.09
N LEU A 231 5.53 -17.68 9.25
CA LEU A 231 4.99 -18.66 8.31
C LEU A 231 4.29 -19.79 9.03
N THR A 232 4.82 -20.21 10.20
CA THR A 232 4.41 -21.46 10.80
C THR A 232 3.52 -21.32 12.03
N GLN A 233 3.39 -20.11 12.59
CA GLN A 233 2.68 -19.92 13.84
C GLN A 233 1.65 -18.80 13.81
N LYS A 234 1.89 -17.71 13.10
CA LYS A 234 0.94 -16.61 13.16
C LYS A 234 -0.34 -16.95 12.37
N VAL A 235 -1.49 -16.55 12.91
CA VAL A 235 -2.78 -16.89 12.34
C VAL A 235 -3.31 -15.67 11.60
N VAL A 236 -3.48 -15.83 10.29
CA VAL A 236 -3.83 -14.73 9.39
C VAL A 236 -5.08 -15.09 8.60
N LEU A 237 -6.12 -14.26 8.70
CA LEU A 237 -7.26 -14.29 7.80
C LEU A 237 -7.06 -13.24 6.72
N ILE A 238 -7.30 -13.61 5.47
CA ILE A 238 -7.09 -12.74 4.32
C ILE A 238 -8.45 -12.31 3.78
N GLU A 239 -8.62 -11.00 3.63
CA GLU A 239 -9.88 -10.36 3.24
C GLU A 239 -9.71 -9.84 1.83
N LEU A 240 -10.61 -10.26 0.93
CA LEU A 240 -10.51 -9.85 -0.46
C LEU A 240 -10.98 -8.41 -0.64
N ASP B 2 -2.46 36.66 25.03
CA ASP B 2 -2.52 35.29 24.58
C ASP B 2 -2.10 35.12 23.11
N LEU B 3 -2.84 34.33 22.36
CA LEU B 3 -2.55 34.01 20.97
C LEU B 3 -3.44 34.83 20.05
N PHE B 4 -2.92 35.12 18.86
CA PHE B 4 -3.67 35.90 17.86
C PHE B 4 -3.54 35.23 16.50
N SER B 5 -4.66 34.97 15.88
CA SER B 5 -4.71 34.60 14.46
C SER B 5 -4.64 35.85 13.60
N VAL B 6 -3.75 35.83 12.61
CA VAL B 6 -3.55 36.94 11.68
C VAL B 6 -3.79 36.38 10.28
N ARG B 7 -4.90 36.79 9.66
CA ARG B 7 -5.26 36.35 8.31
C ARG B 7 -5.18 37.52 7.33
N MET B 8 -4.42 37.33 6.25
CA MET B 8 -4.27 38.32 5.20
C MET B 8 -4.78 37.75 3.89
N ARG B 9 -5.50 38.56 3.13
CA ARG B 9 -5.83 38.28 1.75
C ARG B 9 -5.64 39.54 0.95
N ALA B 10 -5.25 39.39 -0.32
CA ALA B 10 -4.97 40.53 -1.17
C ALA B 10 -5.44 40.25 -2.59
N GLN B 11 -5.79 41.31 -3.30
CA GLN B 11 -6.30 41.21 -4.65
C GLN B 11 -5.79 42.39 -5.48
N LYS B 12 -5.73 42.17 -6.80
CA LYS B 12 -5.37 43.23 -7.73
C LYS B 12 -6.29 43.16 -8.94
N ASN B 13 -6.82 44.32 -9.35
CA ASN B 13 -7.78 44.42 -10.46
C ASN B 13 -8.94 43.45 -10.28
N GLY B 14 -9.32 43.19 -9.03
CA GLY B 14 -10.45 42.34 -8.72
C GLY B 14 -10.14 40.87 -8.55
N LYS B 15 -8.90 40.44 -8.75
CA LYS B 15 -8.52 39.03 -8.68
C LYS B 15 -7.71 38.78 -7.42
N HIS B 16 -8.06 37.73 -6.69
CA HIS B 16 -7.29 37.31 -5.53
C HIS B 16 -5.86 36.93 -5.96
N VAL B 17 -4.85 37.60 -5.38
CA VAL B 17 -3.46 37.40 -5.76
C VAL B 17 -2.56 36.98 -4.60
N SER B 18 -3.07 36.91 -3.36
CA SER B 18 -2.21 36.51 -2.24
C SER B 18 -3.04 36.26 -0.99
N GLY B 19 -2.48 35.48 -0.08
CA GLY B 19 -3.14 35.14 1.17
C GLY B 19 -2.27 34.31 2.09
N ALA B 20 -2.41 34.49 3.41
CA ALA B 20 -1.61 33.75 4.38
C ALA B 20 -2.17 33.95 5.78
N GLU B 21 -1.90 32.98 6.64
CA GLU B 21 -2.28 33.04 8.04
C GLU B 21 -1.05 32.78 8.89
N ARG B 22 -0.93 33.52 9.99
CA ARG B 22 0.03 33.24 11.05
C ARG B 22 -0.73 33.23 12.36
N ILE B 23 -0.23 32.47 13.33
CA ILE B 23 -0.80 32.40 14.66
C ILE B 23 0.34 32.66 15.62
N VAL B 24 0.31 33.80 16.32
CA VAL B 24 1.46 34.26 17.08
C VAL B 24 1.01 34.93 18.36
N LYS B 25 1.96 35.07 19.27
CA LYS B 25 1.76 35.78 20.51
C LYS B 25 1.90 37.29 20.24
N LYS B 26 1.33 38.09 21.16
CA LYS B 26 1.25 39.54 20.98
C LYS B 26 2.59 40.17 20.60
N GLU B 27 3.69 39.76 21.23
CA GLU B 27 4.97 40.39 20.88
C GLU B 27 5.39 40.06 19.46
N GLU B 28 4.96 38.95 18.91
CA GLU B 28 5.28 38.64 17.52
C GLU B 28 4.28 39.22 16.53
N LEU B 29 3.23 39.91 17.02
CA LEU B 29 2.14 40.35 16.15
C LEU B 29 2.61 41.28 15.05
N GLU B 30 3.50 42.22 15.39
CA GLU B 30 3.99 43.19 14.42
C GLU B 30 4.81 42.50 13.33
N THR B 31 5.74 41.64 13.73
CA THR B 31 6.52 40.89 12.76
C THR B 31 5.62 40.12 11.80
N ALA B 32 4.56 39.50 12.32
CA ALA B 32 3.67 38.73 11.45
C ALA B 32 2.92 39.65 10.49
N VAL B 33 2.39 40.76 10.99
CA VAL B 33 1.63 41.67 10.14
C VAL B 33 2.52 42.27 9.05
N LYS B 34 3.76 42.63 9.42
CA LYS B 34 4.73 43.14 8.44
C LYS B 34 5.02 42.10 7.37
N GLU B 35 5.25 40.86 7.80
CA GLU B 35 5.52 39.80 6.82
C GLU B 35 4.38 39.71 5.83
N LEU B 36 3.14 39.70 6.32
CA LEU B 36 2.01 39.49 5.42
C LEU B 36 1.77 40.72 4.54
N LEU B 37 1.88 41.92 5.12
CA LEU B 37 1.76 43.16 4.35
C LEU B 37 2.68 43.16 3.13
N ASN B 38 3.93 42.68 3.29
CA ASN B 38 4.92 42.68 2.22
C ASN B 38 4.88 41.42 1.36
N ARG B 39 4.00 40.46 1.66
CA ARG B 39 4.02 39.20 0.92
C ARG B 39 3.68 39.34 -0.56
N PRO B 40 2.64 40.06 -0.98
CA PRO B 40 2.36 40.15 -2.41
C PRO B 40 3.28 41.15 -3.09
N LYS B 41 3.67 40.83 -4.32
CA LYS B 41 4.41 41.81 -5.12
C LYS B 41 3.57 43.06 -5.37
N GLU B 42 2.34 42.87 -5.79
CA GLU B 42 1.45 43.96 -6.19
C GLU B 42 0.04 43.69 -5.68
N PHE B 43 -0.66 44.76 -5.31
CA PHE B 43 -2.04 44.62 -4.92
C PHE B 43 -2.66 46.01 -4.87
N ASP B 44 -3.99 46.07 -5.05
CA ASP B 44 -4.72 47.31 -4.85
C ASP B 44 -5.70 47.22 -3.70
N PHE B 45 -5.82 46.07 -3.05
CA PHE B 45 -6.65 45.93 -1.88
C PHE B 45 -6.13 44.77 -1.05
N MET B 46 -6.00 44.99 0.27
CA MET B 46 -5.61 43.96 1.22
C MET B 46 -6.42 44.09 2.50
N ASN B 47 -6.88 42.95 3.02
CA ASN B 47 -7.52 42.91 4.32
C ASN B 47 -6.69 42.06 5.27
N VAL B 48 -6.49 42.55 6.49
CA VAL B 48 -5.81 41.81 7.55
C VAL B 48 -6.73 41.72 8.75
N LYS B 49 -7.13 40.50 9.09
CA LYS B 49 -7.96 40.21 10.25
C LYS B 49 -7.07 39.67 11.33
N VAL B 50 -7.15 40.28 12.52
CA VAL B 50 -6.40 39.86 13.68
C VAL B 50 -7.42 39.49 14.75
N GLU B 51 -7.45 38.21 15.13
CA GLU B 51 -8.46 37.71 16.05
C GLU B 51 -7.78 36.97 17.19
N LYS B 52 -8.10 37.35 18.43
CA LYS B 52 -7.54 36.65 19.58
C LYS B 52 -8.08 35.22 19.65
N VAL B 53 -7.20 34.28 19.95
CA VAL B 53 -7.52 32.86 19.96
C VAL B 53 -8.04 32.45 21.35
N LYS B 54 -9.14 31.72 21.38
CA LYS B 54 -9.74 31.21 22.62
C LYS B 54 -9.26 29.81 22.99
N ASP B 55 -9.24 28.88 22.02
CA ASP B 55 -8.87 27.47 22.21
C ASP B 55 -7.83 27.08 21.18
N PHE B 56 -6.73 26.44 21.63
CA PHE B 56 -5.76 25.88 20.70
C PHE B 56 -5.19 24.58 21.26
N GLU B 57 -4.54 23.81 20.37
CA GLU B 57 -3.81 22.61 20.76
C GLU B 57 -2.45 22.58 20.05
N VAL B 58 -1.41 22.23 20.79
CA VAL B 58 -0.08 22.05 20.23
C VAL B 58 0.10 20.58 19.89
N VAL B 59 0.61 20.28 18.69
CA VAL B 59 0.90 18.90 18.30
C VAL B 59 2.32 18.81 17.77
N LYS B 60 2.97 17.68 18.04
CA LYS B 60 4.34 17.43 17.62
C LYS B 60 4.38 16.90 16.19
N PHE B 61 5.20 17.53 15.35
CA PHE B 61 5.34 17.12 13.96
C PHE B 61 6.09 15.78 13.88
N ASN B 62 5.45 14.76 13.27
CA ASN B 62 6.05 13.40 13.18
C ASN B 62 5.83 12.82 11.77
N LEU B 63 6.40 13.45 10.75
CA LEU B 63 6.34 12.92 9.39
C LEU B 63 7.75 12.77 8.86
N LYS B 64 8.05 11.60 8.29
CA LYS B 64 9.24 11.47 7.47
C LYS B 64 9.04 12.20 6.15
N ILE B 65 10.12 12.80 5.66
CA ILE B 65 10.13 13.60 4.43
C ILE B 65 11.01 12.89 3.41
N SER B 66 10.47 12.60 2.24
CA SER B 66 11.21 11.95 1.18
C SER B 66 11.07 12.76 -0.11
N THR B 67 11.99 12.56 -1.05
CA THR B 67 11.98 13.29 -2.31
C THR B 67 12.31 12.37 -3.47
N TYR B 68 11.49 12.41 -4.51
CA TYR B 68 11.66 11.58 -5.70
C TYR B 68 11.51 12.42 -6.95
N SER B 69 12.32 12.13 -7.98
CA SER B 69 12.27 12.82 -9.24
C SER B 69 12.21 11.81 -10.37
N PHE B 70 11.29 12.01 -11.30
CA PHE B 70 11.08 11.13 -12.44
C PHE B 70 11.22 11.93 -13.73
N LYS B 71 11.22 11.21 -14.85
CA LYS B 71 11.44 11.89 -16.12
C LYS B 71 10.15 12.48 -16.69
N SER B 72 9.03 11.80 -16.49
CA SER B 72 7.78 12.28 -17.06
C SER B 72 6.69 12.36 -16.01
N PRO B 73 5.77 13.34 -16.15
CA PRO B 73 4.52 13.28 -15.39
C PRO B 73 3.96 11.88 -15.30
N GLU B 74 3.79 11.21 -16.45
CA GLU B 74 3.19 9.88 -16.46
C GLU B 74 3.75 9.01 -15.34
N GLU B 75 5.08 8.86 -15.28
CA GLU B 75 5.69 8.01 -14.26
C GLU B 75 5.53 8.59 -12.86
N ALA B 76 5.71 9.91 -12.71
CA ALA B 76 5.53 10.53 -11.39
C ALA B 76 4.12 10.25 -10.86
N ARG B 77 3.12 10.42 -11.72
CA ARG B 77 1.75 10.08 -11.36
C ARG B 77 1.62 8.60 -10.99
N GLU B 78 2.29 7.70 -11.72
CA GLU B 78 2.22 6.29 -11.33
C GLU B 78 2.79 6.12 -9.93
N PHE B 79 3.92 6.78 -9.66
CA PHE B 79 4.53 6.68 -8.33
C PHE B 79 3.59 7.23 -7.26
N ALA B 80 2.89 8.33 -7.56
CA ALA B 80 1.98 8.92 -6.57
C ALA B 80 0.84 7.98 -6.24
N VAL B 81 0.26 7.33 -7.25
CA VAL B 81 -0.79 6.33 -7.01
C VAL B 81 -0.22 5.14 -6.25
N LYS B 82 0.99 4.70 -6.62
CA LYS B 82 1.65 3.63 -5.88
C LYS B 82 1.86 4.01 -4.43
N LYS B 83 2.10 5.30 -4.16
CA LYS B 83 2.29 5.73 -2.78
C LYS B 83 0.97 5.85 -2.04
N LEU B 84 -0.08 6.36 -2.71
CA LEU B 84 -1.38 6.44 -2.06
C LEU B 84 -1.92 5.07 -1.72
N THR B 85 -1.59 4.06 -2.53
CA THR B 85 -2.06 2.71 -2.25
C THR B 85 -1.37 2.10 -1.03
N GLN B 86 -0.16 2.56 -0.69
CA GLN B 86 0.49 2.12 0.54
C GLN B 86 -0.19 2.69 1.78
N GLU B 87 -1.13 3.61 1.63
CA GLU B 87 -1.91 4.12 2.75
C GLU B 87 -3.21 3.36 2.93
N GLY B 88 -3.48 2.37 2.08
CA GLY B 88 -4.72 1.63 2.16
C GLY B 88 -5.82 2.18 1.29
N ILE B 89 -5.46 2.81 0.18
CA ILE B 89 -6.42 3.41 -0.73
C ILE B 89 -6.56 2.49 -1.95
N LYS B 90 -7.80 2.23 -2.34
CA LYS B 90 -8.02 1.42 -3.53
C LYS B 90 -7.32 2.05 -4.72
N GLU B 91 -6.71 1.21 -5.56
CA GLU B 91 -5.98 1.72 -6.71
C GLU B 91 -6.86 2.71 -7.50
N GLU B 92 -8.05 2.28 -7.95
CA GLU B 92 -8.87 3.13 -8.81
C GLU B 92 -9.34 4.41 -8.11
N VAL B 93 -9.37 4.43 -6.78
CA VAL B 93 -9.68 5.68 -6.07
C VAL B 93 -8.52 6.66 -6.21
N ALA B 94 -7.28 6.16 -6.10
CA ALA B 94 -6.12 7.00 -6.32
C ALA B 94 -6.06 7.53 -7.76
N LYS B 95 -6.28 6.66 -8.77
CA LYS B 95 -6.20 7.18 -10.14
C LYS B 95 -7.28 8.21 -10.41
N LYS B 96 -8.47 8.03 -9.84
CA LYS B 96 -9.54 9.00 -10.07
C LYS B 96 -9.16 10.36 -9.49
N ALA B 97 -8.51 10.36 -8.31
CA ALA B 97 -8.03 11.62 -7.76
C ALA B 97 -7.03 12.28 -8.69
N VAL B 98 -6.12 11.49 -9.25
CA VAL B 98 -5.21 12.04 -10.25
C VAL B 98 -5.99 12.50 -11.48
N GLU B 99 -7.02 11.75 -11.87
CA GLU B 99 -7.78 12.08 -13.07
C GLU B 99 -8.44 13.45 -12.93
N ILE B 100 -9.06 13.69 -11.77
CA ILE B 100 -9.79 14.93 -11.54
C ILE B 100 -8.86 16.13 -11.63
N LEU B 101 -7.67 16.03 -11.04
CA LEU B 101 -6.75 17.16 -11.07
C LEU B 101 -6.17 17.38 -12.48
N SER B 102 -5.88 16.29 -13.20
CA SER B 102 -5.29 16.42 -14.53
C SER B 102 -6.24 17.12 -15.50
N LYS B 103 -7.54 16.81 -15.42
CA LYS B 103 -8.52 17.34 -16.37
C LYS B 103 -9.17 18.65 -15.91
N GLY B 104 -8.93 19.09 -14.68
CA GLY B 104 -9.57 20.28 -14.17
C GLY B 104 -10.54 20.00 -13.05
N ALA B 105 -10.09 20.20 -11.81
CA ALA B 105 -10.90 19.87 -10.64
C ALA B 105 -12.14 20.76 -10.53
N ASN B 106 -12.06 21.99 -11.01
CA ASN B 106 -13.21 22.89 -10.91
C ASN B 106 -14.20 22.57 -12.02
N PRO B 107 -15.45 22.23 -11.71
CA PRO B 107 -16.40 21.83 -12.76
C PRO B 107 -16.81 22.96 -13.68
N LYS B 108 -16.73 24.22 -13.26
CA LYS B 108 -17.01 25.31 -14.18
C LYS B 108 -15.75 25.87 -14.82
N GLY B 109 -14.70 25.04 -14.95
CA GLY B 109 -13.48 25.47 -15.61
C GLY B 109 -12.39 25.99 -14.69
N GLY B 110 -11.15 25.56 -14.93
CA GLY B 110 -10.03 26.05 -14.16
C GLY B 110 -9.81 25.33 -12.85
N ASN B 111 -9.33 26.07 -11.85
CA ASN B 111 -8.89 25.51 -10.59
C ASN B 111 -9.89 25.82 -9.47
N MET B 112 -9.84 24.99 -8.43
CA MET B 112 -10.59 25.25 -7.21
C MET B 112 -9.81 26.20 -6.29
N ARG B 113 -10.55 26.86 -5.41
CA ARG B 113 -9.93 27.67 -4.36
C ARG B 113 -9.83 26.90 -3.05
N GLY B 114 -9.57 25.60 -3.13
CA GLY B 114 -9.73 24.72 -2.00
C GLY B 114 -9.56 23.29 -2.46
N ALA B 115 -9.82 22.37 -1.52
CA ALA B 115 -9.50 20.94 -1.68
C ALA B 115 -10.75 20.11 -1.96
N VAL B 116 -10.58 19.10 -2.82
CA VAL B 116 -11.59 18.06 -2.98
C VAL B 116 -11.58 17.17 -1.74
N LEU B 117 -12.77 16.83 -1.24
CA LEU B 117 -12.93 15.81 -0.20
C LEU B 117 -13.36 14.52 -0.87
N MET B 118 -12.41 13.60 -1.09
CA MET B 118 -12.71 12.36 -1.79
C MET B 118 -13.04 11.24 -0.81
N ASP B 119 -14.07 10.47 -1.16
CA ASP B 119 -14.41 9.29 -0.37
C ASP B 119 -13.32 8.25 -0.52
N ILE B 120 -12.84 7.72 0.61
CA ILE B 120 -11.75 6.75 0.60
C ILE B 120 -12.17 5.46 -0.10
N GLU B 121 -13.46 5.16 -0.12
CA GLU B 121 -13.98 3.95 -0.74
C GLU B 121 -14.91 4.27 -1.89
N THR B 122 -15.96 5.07 -1.65
CA THR B 122 -16.95 5.30 -2.70
C THR B 122 -16.32 6.05 -3.87
N GLY B 123 -15.31 6.88 -3.58
CA GLY B 123 -14.42 7.40 -4.58
C GLY B 123 -14.82 8.70 -5.24
N GLU B 124 -15.99 9.25 -4.94
CA GLU B 124 -16.42 10.49 -5.58
C GLU B 124 -16.36 11.66 -4.61
N ARG B 125 -16.81 12.82 -5.08
CA ARG B 125 -16.55 14.10 -4.44
C ARG B 125 -17.65 14.43 -3.43
N LEU B 126 -17.24 14.80 -2.21
CA LEU B 126 -18.16 15.05 -1.12
C LEU B 126 -18.17 16.49 -0.65
N GLU B 127 -17.38 17.37 -1.28
CA GLU B 127 -17.43 18.77 -0.88
C GLU B 127 -18.73 19.41 -1.29
N GLU B 128 -19.28 20.23 -0.38
CA GLU B 128 -20.55 20.92 -0.60
C GLU B 128 -20.48 21.99 -1.67
N ASP B 129 -19.29 22.33 -2.15
CA ASP B 129 -19.10 23.36 -3.18
C ASP B 129 -17.87 22.95 -3.97
N LYS B 130 -18.09 22.26 -5.10
CA LYS B 130 -16.99 21.75 -5.92
C LYS B 130 -16.22 22.84 -6.64
N GLU B 131 -16.65 24.10 -6.54
CA GLU B 131 -15.85 25.23 -6.97
C GLU B 131 -14.92 25.75 -5.89
N ARG B 132 -15.37 25.75 -4.63
CA ARG B 132 -14.58 26.26 -3.53
C ARG B 132 -13.85 25.17 -2.75
N GLY B 133 -14.48 24.00 -2.55
CA GLY B 133 -13.87 22.93 -1.76
C GLY B 133 -13.74 23.32 -0.29
N VAL B 134 -12.95 22.53 0.45
CA VAL B 134 -12.60 22.89 1.82
C VAL B 134 -11.29 23.65 1.80
N ARG B 135 -11.15 24.61 2.72
CA ARG B 135 -9.86 25.25 2.95
C ARG B 135 -9.42 25.01 4.39
N THR B 136 -8.20 24.50 4.55
CA THR B 136 -7.64 24.24 5.87
C THR B 136 -7.05 25.54 6.41
N ILE B 137 -7.50 25.97 7.57
CA ILE B 137 -7.10 27.24 8.16
C ILE B 137 -6.79 27.00 9.64
N HIS B 138 -6.35 28.08 10.31
CA HIS B 138 -6.06 28.09 11.74
C HIS B 138 -4.99 27.05 12.11
N PHE B 139 -3.91 27.05 11.36
CA PHE B 139 -2.73 26.29 11.70
C PHE B 139 -1.51 27.16 11.47
N ASP B 140 -0.44 26.86 12.21
CA ASP B 140 0.84 27.54 12.03
C ASP B 140 1.89 26.74 12.80
N TRP B 141 3.15 26.91 12.39
CA TRP B 141 4.25 26.41 13.21
C TRP B 141 4.27 27.14 14.55
N LYS B 142 4.57 26.41 15.62
CA LYS B 142 4.56 27.04 16.94
C LYS B 142 5.66 28.08 17.08
N ASP B 143 6.78 27.90 16.40
CA ASP B 143 7.85 28.89 16.42
C ASP B 143 8.40 28.97 14.99
N ARG B 144 7.67 29.70 14.12
CA ARG B 144 7.92 29.63 12.68
C ARG B 144 9.33 30.10 12.31
N LYS B 145 9.85 31.13 12.97
CA LYS B 145 11.17 31.63 12.60
C LYS B 145 12.26 30.57 12.80
N LYS B 146 12.14 29.76 13.84
CA LYS B 146 13.13 28.71 14.09
C LYS B 146 12.91 27.48 13.23
N VAL B 147 11.65 27.06 13.07
CA VAL B 147 11.34 25.97 12.14
C VAL B 147 11.84 26.31 10.75
N THR B 148 11.57 27.54 10.30
CA THR B 148 11.99 27.97 8.96
C THR B 148 13.50 27.91 8.83
N GLU B 149 14.22 28.49 9.80
CA GLU B 149 15.68 28.48 9.75
C GLU B 149 16.21 27.06 9.82
N LYS B 150 15.57 26.21 10.64
CA LYS B 150 15.98 24.81 10.73
C LYS B 150 15.83 24.11 9.38
N LEU B 151 14.63 24.19 8.77
CA LEU B 151 14.37 23.47 7.53
C LEU B 151 15.23 24.01 6.38
N LEU B 152 15.45 25.32 6.33
CA LEU B 152 16.28 25.88 5.26
C LEU B 152 17.70 25.34 5.35
N LYS B 153 18.25 25.26 6.56
CA LYS B 153 19.57 24.64 6.71
C LYS B 153 19.58 23.17 6.33
N GLU B 154 18.45 22.46 6.43
CA GLU B 154 18.41 21.08 5.97
C GLU B 154 18.24 20.98 4.47
N GLY B 155 18.21 22.10 3.76
CA GLY B 155 18.10 22.08 2.32
C GLY B 155 16.69 22.07 1.77
N TYR B 156 15.70 22.48 2.56
CA TYR B 156 14.33 22.62 2.09
C TYR B 156 14.02 24.09 1.83
N THR B 157 12.87 24.33 1.21
CA THR B 157 12.47 25.66 0.79
C THR B 157 11.33 26.18 1.67
N LEU B 158 11.13 27.51 1.62
CA LEU B 158 9.97 28.14 2.24
C LEU B 158 8.69 27.47 1.80
N ARG B 159 8.64 27.03 0.55
CA ARG B 159 7.46 26.35 0.05
C ARG B 159 7.24 25.05 0.80
N THR B 160 8.34 24.38 1.18
CA THR B 160 8.23 23.16 1.97
C THR B 160 7.72 23.47 3.38
N VAL B 161 8.25 24.53 4.00
CA VAL B 161 7.81 24.97 5.31
C VAL B 161 6.28 25.08 5.36
N ASP B 162 5.70 25.75 4.36
CA ASP B 162 4.25 25.94 4.40
C ASP B 162 3.51 24.64 4.10
N ALA B 163 3.96 23.91 3.08
CA ALA B 163 3.28 22.67 2.73
C ALA B 163 3.31 21.67 3.88
N LEU B 164 4.46 21.57 4.56
CA LEU B 164 4.54 20.63 5.69
C LEU B 164 3.50 20.95 6.75
N ALA B 165 3.38 22.24 7.11
CA ALA B 165 2.43 22.58 8.17
C ALA B 165 1.00 22.35 7.71
N LEU B 166 0.68 22.70 6.45
CA LEU B 166 -0.66 22.49 5.94
C LEU B 166 -1.03 21.01 5.95
N THR B 167 -0.22 20.17 5.28
CA THR B 167 -0.58 18.76 5.17
C THR B 167 -0.59 18.07 6.53
N PHE B 168 0.28 18.52 7.47
CA PHE B 168 0.28 17.88 8.78
C PHE B 168 -1.00 18.20 9.55
N LYS B 169 -1.48 19.45 9.48
CA LYS B 169 -2.78 19.72 10.10
C LYS B 169 -3.85 18.84 9.47
N ASN B 170 -3.81 18.67 8.15
CA ASN B 170 -4.78 17.81 7.47
C ASN B 170 -4.77 16.40 8.07
N LEU B 171 -3.59 15.78 8.11
CA LEU B 171 -3.49 14.42 8.61
C LEU B 171 -3.92 14.35 10.06
N PHE B 172 -3.55 15.36 10.84
CA PHE B 172 -3.95 15.41 12.24
C PHE B 172 -5.46 15.48 12.40
N CYS B 173 -6.15 16.07 11.43
CA CYS B 173 -7.59 16.30 11.48
C CYS B 173 -8.41 15.10 11.02
N GLY B 174 -7.77 14.01 10.62
CA GLY B 174 -8.48 12.84 10.18
C GLY B 174 -8.34 12.52 8.71
N VAL B 175 -7.79 13.43 7.89
CA VAL B 175 -7.53 13.08 6.51
C VAL B 175 -6.57 11.90 6.46
N VAL B 176 -6.90 10.91 5.63
CA VAL B 176 -6.07 9.70 5.55
C VAL B 176 -4.82 9.96 4.73
N ALA B 177 -4.98 10.62 3.59
CA ALA B 177 -3.85 10.89 2.70
C ALA B 177 -4.21 12.09 1.85
N GLU B 178 -3.20 12.63 1.16
CA GLU B 178 -3.36 13.87 0.43
C GLU B 178 -2.55 13.83 -0.84
N LEU B 179 -3.14 14.28 -1.94
CA LEU B 179 -2.46 14.49 -3.20
C LEU B 179 -2.51 15.97 -3.52
N CYS B 180 -1.41 16.50 -4.04
CA CYS B 180 -1.30 17.94 -4.27
C CYS B 180 -0.33 18.16 -5.42
N TRP B 181 -0.72 19.00 -6.40
CA TRP B 181 0.24 19.65 -7.27
C TRP B 181 -0.29 21.04 -7.62
N SER B 182 0.59 21.91 -8.10
CA SER B 182 0.32 23.33 -8.07
C SER B 182 -0.50 23.81 -9.27
N ASP B 183 -1.13 24.97 -9.10
CA ASP B 183 -1.81 25.64 -10.19
C ASP B 183 -0.85 26.35 -11.15
N ASP B 184 0.25 26.90 -10.64
CA ASP B 184 1.14 27.73 -11.46
C ASP B 184 1.75 26.87 -12.56
N PRO B 185 1.60 27.26 -13.82
CA PRO B 185 2.22 26.50 -14.93
C PRO B 185 3.71 26.28 -14.78
N ASP B 186 4.41 27.14 -14.02
CA ASP B 186 5.86 27.04 -13.95
C ASP B 186 6.35 26.13 -12.83
N TYR B 187 5.45 25.61 -11.98
CA TYR B 187 5.84 24.84 -10.80
C TYR B 187 5.24 23.44 -10.92
N VAL B 188 6.09 22.44 -11.17
CA VAL B 188 5.68 21.09 -11.48
C VAL B 188 5.97 20.11 -10.33
N THR B 189 6.39 20.62 -9.17
CA THR B 189 6.65 19.76 -8.02
C THR B 189 5.39 19.71 -7.15
N GLY B 190 5.11 18.52 -6.62
CA GLY B 190 3.93 18.33 -5.81
C GLY B 190 4.18 17.32 -4.71
N TYR B 191 3.13 16.79 -4.09
CA TYR B 191 3.39 15.78 -3.08
C TYR B 191 2.20 14.86 -2.89
N VAL B 192 2.49 13.78 -2.19
CA VAL B 192 1.51 12.89 -1.61
C VAL B 192 1.93 12.69 -0.16
N SER B 193 0.96 12.59 0.75
CA SER B 193 1.36 12.43 2.14
C SER B 193 0.32 11.61 2.90
N GLY B 194 0.75 11.08 4.02
CA GLY B 194 -0.08 10.25 4.88
C GLY B 194 0.71 9.90 6.12
N LYS B 195 0.02 9.36 7.12
CA LYS B 195 0.69 9.10 8.39
C LYS B 195 1.78 8.04 8.25
N GLU B 196 1.59 7.07 7.35
CA GLU B 196 2.54 5.98 7.17
C GLU B 196 3.60 6.29 6.13
N ILE B 197 3.19 6.86 4.98
CA ILE B 197 4.18 7.19 3.95
C ILE B 197 4.91 8.48 4.25
N GLY B 198 4.43 9.27 5.19
CA GLY B 198 5.07 10.55 5.43
C GLY B 198 4.81 11.51 4.28
N TYR B 199 5.68 12.51 4.22
CA TYR B 199 5.56 13.58 3.23
C TYR B 199 6.47 13.26 2.06
N VAL B 200 5.89 13.11 0.88
CA VAL B 200 6.56 12.54 -0.28
C VAL B 200 6.53 13.57 -1.41
N ARG B 201 7.60 14.34 -1.54
CA ARG B 201 7.77 15.25 -2.66
C ARG B 201 7.93 14.45 -3.97
N ILE B 202 7.27 14.93 -5.02
CA ILE B 202 7.25 14.25 -6.32
C ILE B 202 7.33 15.28 -7.43
N THR B 203 8.28 15.09 -8.35
CA THR B 203 8.45 15.94 -9.55
C THR B 203 8.75 15.07 -10.78
N PRO B 204 8.13 15.37 -11.94
CA PRO B 204 7.11 16.39 -12.22
C PRO B 204 5.72 15.80 -12.24
N LEU B 205 4.79 16.37 -11.48
CA LEU B 205 3.43 15.87 -11.50
C LEU B 205 2.61 16.48 -12.62
N LYS B 206 3.20 17.37 -13.42
CA LYS B 206 2.49 17.90 -14.57
C LYS B 206 3.52 18.39 -15.58
N GLU B 207 3.06 18.52 -16.82
CA GLU B 207 3.87 19.11 -17.86
C GLU B 207 4.03 20.61 -17.59
N LYS B 208 5.22 21.13 -17.88
CA LYS B 208 5.41 22.57 -17.76
C LYS B 208 4.44 23.31 -18.67
N GLY B 209 3.99 24.47 -18.21
CA GLY B 209 3.00 25.26 -18.92
C GLY B 209 1.55 24.90 -18.61
N ASP B 210 1.31 23.72 -18.06
CA ASP B 210 -0.06 23.31 -17.73
C ASP B 210 -0.56 24.13 -16.54
N PRO B 211 -1.68 24.81 -16.64
CA PRO B 211 -2.17 25.65 -15.54
C PRO B 211 -3.18 24.98 -14.61
N LEU B 212 -3.36 23.67 -14.70
CA LEU B 212 -4.30 22.97 -13.85
C LEU B 212 -3.59 22.20 -12.74
N GLY B 213 -4.10 22.35 -11.52
CA GLY B 213 -3.66 21.56 -10.40
C GLY B 213 -4.72 21.54 -9.33
N GLY B 214 -4.35 21.08 -8.14
CA GLY B 214 -5.28 21.12 -7.04
C GLY B 214 -4.83 20.22 -5.87
N ARG B 215 -5.79 19.99 -4.97
CA ARG B 215 -5.56 19.18 -3.79
C ARG B 215 -6.74 18.25 -3.60
N VAL B 216 -6.45 17.02 -3.19
CA VAL B 216 -7.46 16.00 -2.92
C VAL B 216 -7.22 15.44 -1.54
N TYR B 217 -8.20 15.58 -0.64
CA TYR B 217 -8.14 14.99 0.69
C TYR B 217 -8.92 13.67 0.67
N PHE B 218 -8.22 12.55 0.83
CA PHE B 218 -8.84 11.24 0.94
C PHE B 218 -9.38 11.06 2.36
N VAL B 219 -10.71 11.02 2.51
CA VAL B 219 -11.35 10.87 3.82
C VAL B 219 -12.44 9.80 3.73
N SER B 220 -12.89 9.36 4.90
CA SER B 220 -14.02 8.45 5.02
C SER B 220 -15.28 9.26 5.30
N ARG B 221 -16.34 8.98 4.52
CA ARG B 221 -17.62 9.67 4.71
C ARG B 221 -18.13 9.48 6.13
N LYS B 222 -17.77 8.37 6.77
CA LYS B 222 -18.09 8.11 8.16
C LYS B 222 -17.69 9.26 9.09
N GLU B 223 -16.72 10.10 8.69
CA GLU B 223 -16.16 11.09 9.59
C GLU B 223 -16.08 12.47 8.97
N LEU B 224 -16.91 12.74 7.95
CA LEU B 224 -16.78 13.98 7.21
C LEU B 224 -17.10 15.21 8.05
N SER B 225 -18.00 15.07 9.03
CA SER B 225 -18.41 16.26 9.76
C SER B 225 -17.35 16.72 10.75
N GLU B 226 -16.75 15.79 11.50
CA GLU B 226 -15.72 16.20 12.47
C GLU B 226 -14.39 16.51 11.79
N ILE B 227 -14.12 15.93 10.62
CA ILE B 227 -12.96 16.34 9.83
C ILE B 227 -13.10 17.79 9.39
N ILE B 228 -14.23 18.12 8.75
CA ILE B 228 -14.47 19.49 8.27
C ILE B 228 -14.40 20.48 9.42
N GLU B 229 -14.91 20.09 10.60
CA GLU B 229 -14.81 20.94 11.79
C GLU B 229 -13.36 21.18 12.18
N CYS B 230 -12.58 20.10 12.33
CA CYS B 230 -11.17 20.23 12.67
C CYS B 230 -10.43 21.07 11.63
N LEU B 231 -10.72 20.84 10.34
CA LEU B 231 -10.00 21.53 9.27
C LEU B 231 -10.25 23.03 9.28
N THR B 232 -11.49 23.45 9.56
CA THR B 232 -11.91 24.83 9.36
C THR B 232 -12.09 25.62 10.65
N GLN B 233 -12.12 24.98 11.80
CA GLN B 233 -12.38 25.68 13.06
C GLN B 233 -11.28 25.54 14.10
N LYS B 234 -10.62 24.39 14.18
CA LYS B 234 -9.73 24.10 15.30
C LYS B 234 -8.38 24.77 15.09
N VAL B 235 -7.88 25.43 16.12
CA VAL B 235 -6.60 26.13 16.07
C VAL B 235 -5.50 25.17 16.51
N VAL B 236 -4.53 24.93 15.63
CA VAL B 236 -3.47 23.96 15.85
C VAL B 236 -2.13 24.65 15.68
N LEU B 237 -1.27 24.57 16.70
CA LEU B 237 0.14 24.95 16.62
C LEU B 237 0.99 23.70 16.49
N ILE B 238 1.96 23.71 15.57
CA ILE B 238 2.76 22.54 15.24
C ILE B 238 4.18 22.77 15.74
N GLU B 239 4.68 21.86 16.58
CA GLU B 239 6.06 21.87 17.07
C GLU B 239 6.96 21.04 16.15
#